data_2I1G
#
_entry.id   2I1G
#
_entity_poly.entity_id   1
_entity_poly.type   'polypeptide(L)'
_entity_poly.pdbx_seq_one_letter_code
;VRRYPWWWPYLRR(NH2)
;
_entity_poly.pdbx_strand_id   A
#
loop_
_chem_comp.id
_chem_comp.type
_chem_comp.name
_chem_comp.formula
NH2 non-polymer 'AMINO GROUP' 'H2 N'
#
# COMPACT_ATOMS: atom_id res chain seq x y z
N VAL A 1 -1.80 4.35 -1.87
CA VAL A 1 -3.00 4.44 -1.00
C VAL A 1 -4.25 3.96 -1.74
N ARG A 2 -4.10 2.88 -2.50
CA ARG A 2 -5.21 2.31 -3.27
C ARG A 2 -6.29 1.78 -2.32
N ARG A 3 -5.88 0.97 -1.35
CA ARG A 3 -6.81 0.39 -0.39
C ARG A 3 -6.08 -0.40 0.69
N TYR A 4 -5.02 -1.11 0.29
CA TYR A 4 -4.24 -1.91 1.23
C TYR A 4 -3.63 -1.04 2.35
N PRO A 5 -2.70 -1.62 3.17
CA PRO A 5 -2.06 -0.90 4.28
C PRO A 5 -1.52 0.46 3.89
N TRP A 6 -1.25 1.30 4.89
CA TRP A 6 -0.69 2.60 4.63
C TRP A 6 0.75 2.41 4.16
N TRP A 7 1.38 1.37 4.71
CA TRP A 7 2.75 1.03 4.37
C TRP A 7 2.81 0.19 3.12
N TRP A 8 1.69 -0.38 2.74
CA TRP A 8 1.69 -1.24 1.61
C TRP A 8 2.12 -0.52 0.33
N PRO A 9 1.60 0.70 0.06
CA PRO A 9 1.94 1.44 -1.15
C PRO A 9 3.42 1.40 -1.48
N TYR A 10 4.26 1.64 -0.49
CA TYR A 10 5.71 1.60 -0.70
C TYR A 10 6.11 0.23 -1.21
N LEU A 11 5.41 -0.78 -0.72
CA LEU A 11 5.65 -2.17 -1.09
C LEU A 11 5.41 -2.40 -2.58
N ARG A 12 4.35 -1.81 -3.12
CA ARG A 12 4.02 -2.00 -4.53
C ARG A 12 3.40 -0.74 -5.15
N ARG A 13 2.42 -0.16 -4.48
CA ARG A 13 1.75 1.04 -5.00
C ARG A 13 2.67 2.26 -4.92
N NH2 A 14 3.98 2.10 -5.09
HN1 NH2 A 14 4.48 2.82 -5.54
HN2 NH2 A 14 4.40 1.27 -4.77
N VAL A 1 0.31 -4.71 -0.95
CA VAL A 1 1.38 -4.55 -1.97
C VAL A 1 0.81 -4.53 -3.38
N ARG A 2 -0.30 -3.82 -3.54
CA ARG A 2 -0.95 -3.72 -4.84
C ARG A 2 -0.04 -3.03 -5.85
N ARG A 3 0.54 -1.89 -5.43
CA ARG A 3 1.43 -1.13 -6.29
C ARG A 3 2.04 0.05 -5.52
N TYR A 4 1.22 0.71 -4.72
CA TYR A 4 1.67 1.85 -3.93
C TYR A 4 2.79 1.46 -2.94
N PRO A 5 3.14 2.35 -1.96
CA PRO A 5 4.19 2.07 -0.98
C PRO A 5 4.07 0.71 -0.33
N TRP A 6 5.18 0.20 0.18
CA TRP A 6 5.16 -1.08 0.88
C TRP A 6 4.31 -0.92 2.12
N TRP A 7 4.33 0.29 2.68
CA TRP A 7 3.57 0.61 3.88
C TRP A 7 2.16 1.00 3.53
N TRP A 8 1.94 1.36 2.28
CA TRP A 8 0.65 1.82 1.91
C TRP A 8 -0.47 0.77 2.14
N PRO A 9 -0.25 -0.51 1.78
CA PRO A 9 -1.27 -1.53 1.94
C PRO A 9 -1.93 -1.50 3.32
N TYR A 10 -1.14 -1.35 4.37
CA TYR A 10 -1.68 -1.28 5.72
C TYR A 10 -2.62 -0.10 5.82
N LEU A 11 -2.29 0.96 5.08
CA LEU A 11 -3.07 2.18 5.07
C LEU A 11 -4.48 1.95 4.54
N ARG A 12 -4.61 1.20 3.45
CA ARG A 12 -5.91 0.94 2.84
C ARG A 12 -6.06 -0.50 2.37
N ARG A 13 -5.04 -1.02 1.69
CA ARG A 13 -5.10 -2.40 1.19
C ARG A 13 -4.98 -3.41 2.33
N NH2 A 14 -5.54 -3.13 3.51
HN1 NH2 A 14 -5.89 -3.87 4.05
HN2 NH2 A 14 -5.57 -2.20 3.80
N VAL A 1 -4.24 0.80 -8.04
CA VAL A 1 -5.30 1.36 -7.16
C VAL A 1 -5.10 0.92 -5.71
N ARG A 2 -5.26 1.87 -4.80
CA ARG A 2 -5.10 1.57 -3.37
C ARG A 2 -6.10 0.53 -2.91
N ARG A 3 -5.65 -0.40 -2.07
CA ARG A 3 -6.50 -1.46 -1.55
C ARG A 3 -5.78 -2.19 -0.42
N TYR A 4 -4.50 -2.47 -0.63
CA TYR A 4 -3.68 -3.18 0.35
C TYR A 4 -3.53 -2.34 1.64
N PRO A 5 -2.61 -2.74 2.57
CA PRO A 5 -2.39 -2.02 3.83
C PRO A 5 -2.21 -0.53 3.65
N TRP A 6 -2.38 0.23 4.72
CA TRP A 6 -2.19 1.66 4.68
C TRP A 6 -0.70 1.92 4.47
N TRP A 7 0.11 1.04 5.05
CA TRP A 7 1.56 1.12 4.95
C TRP A 7 2.04 0.51 3.67
N TRP A 8 1.19 -0.26 3.03
CA TRP A 8 1.60 -0.93 1.84
C TRP A 8 2.01 0.05 0.73
N PRO A 9 1.22 1.11 0.48
CA PRO A 9 1.53 2.07 -0.58
C PRO A 9 3.00 2.47 -0.63
N TYR A 10 3.58 2.73 0.54
CA TYR A 10 4.99 3.11 0.60
C TYR A 10 5.85 1.97 0.08
N LEU A 11 5.39 0.74 0.33
CA LEU A 11 6.08 -0.46 -0.09
C LEU A 11 6.26 -0.54 -1.60
N ARG A 12 5.19 -0.25 -2.35
CA ARG A 12 5.24 -0.32 -3.80
C ARG A 12 4.70 0.94 -4.47
N ARG A 13 3.53 1.39 -4.01
CA ARG A 13 2.93 2.60 -4.58
C ARG A 13 3.75 3.84 -4.22
N NH2 A 14 5.01 3.69 -3.84
HN1 NH2 A 14 5.58 4.48 -3.78
HN2 NH2 A 14 5.32 2.78 -3.62
N VAL A 1 -3.54 -5.27 -8.55
CA VAL A 1 -3.57 -4.41 -7.33
C VAL A 1 -2.62 -3.24 -7.46
N ARG A 2 -3.06 -2.07 -6.99
CA ARG A 2 -2.26 -0.85 -7.06
C ARG A 2 -0.92 -1.04 -6.35
N ARG A 3 0.14 -0.48 -6.93
CA ARG A 3 1.48 -0.58 -6.36
C ARG A 3 1.79 0.66 -5.53
N TYR A 4 2.36 0.46 -4.34
CA TYR A 4 2.71 1.58 -3.46
C TYR A 4 3.71 1.16 -2.37
N PRO A 5 3.96 2.03 -1.35
CA PRO A 5 4.89 1.75 -0.26
C PRO A 5 4.71 0.39 0.37
N TRP A 6 5.68 -0.03 1.16
CA TRP A 6 5.59 -1.30 1.87
C TRP A 6 4.58 -1.13 2.98
N TRP A 7 4.55 0.07 3.55
CA TRP A 7 3.63 0.41 4.63
C TRP A 7 2.28 0.81 4.10
N TRP A 8 2.23 1.13 2.82
CA TRP A 8 1.00 1.58 2.28
C TRP A 8 -0.11 0.52 2.37
N PRO A 9 0.19 -0.75 2.03
CA PRO A 9 -0.80 -1.83 2.03
C PRO A 9 -1.70 -1.79 3.27
N TYR A 10 -1.10 -1.55 4.43
CA TYR A 10 -1.86 -1.49 5.67
C TYR A 10 -2.83 -0.31 5.62
N LEU A 11 -2.38 0.75 4.97
CA LEU A 11 -3.16 1.97 4.83
C LEU A 11 -4.48 1.74 4.08
N ARG A 12 -4.39 1.10 2.91
CA ARG A 12 -5.58 0.86 2.10
C ARG A 12 -5.77 -0.62 1.77
N ARG A 13 -4.70 -1.27 1.33
CA ARG A 13 -4.78 -2.68 0.97
C ARG A 13 -5.13 -3.55 2.18
N NH2 A 14 -5.43 -2.98 3.33
HN1 NH2 A 14 -6.09 -3.41 3.91
HN2 NH2 A 14 -4.98 -2.14 3.56
N VAL A 1 2.55 1.08 10.95
CA VAL A 1 2.75 2.33 10.17
C VAL A 1 3.02 2.03 8.70
N ARG A 2 3.83 1.02 8.43
CA ARG A 2 4.15 0.63 7.07
C ARG A 2 2.89 0.24 6.30
N ARG A 3 2.01 -0.50 6.96
CA ARG A 3 0.76 -0.93 6.34
C ARG A 3 -0.03 0.27 5.84
N TYR A 4 -0.56 0.16 4.62
CA TYR A 4 -1.34 1.24 4.04
C TYR A 4 -2.59 0.70 3.31
N PRO A 5 -3.25 1.52 2.42
CA PRO A 5 -4.43 1.07 1.70
C PRO A 5 -4.27 -0.29 1.06
N TRP A 6 -5.38 -0.97 0.79
CA TRP A 6 -5.32 -2.26 0.12
C TRP A 6 -4.76 -2.04 -1.28
N TRP A 7 -5.09 -0.89 -1.84
CA TRP A 7 -4.62 -0.51 -3.17
C TRP A 7 -3.24 0.08 -3.11
N TRP A 8 -2.80 0.44 -1.92
CA TRP A 8 -1.52 1.06 -1.81
C TRP A 8 -0.39 0.15 -2.29
N PRO A 9 -0.38 -1.13 -1.88
CA PRO A 9 0.67 -2.07 -2.28
C PRO A 9 1.03 -1.95 -3.75
N TYR A 10 0.02 -1.87 -4.60
CA TYR A 10 0.25 -1.73 -6.04
C TYR A 10 1.04 -0.47 -6.30
N LEU A 11 0.74 0.56 -5.52
CA LEU A 11 1.40 1.86 -5.64
C LEU A 11 2.89 1.76 -5.33
N ARG A 12 3.22 1.48 -4.07
CA ARG A 12 4.61 1.39 -3.63
C ARG A 12 5.14 -0.05 -3.70
N ARG A 13 4.44 -0.97 -3.03
CA ARG A 13 4.86 -2.37 -3.01
C ARG A 13 4.83 -2.98 -4.40
N NH2 A 14 4.53 -2.21 -5.44
HN1 NH2 A 14 4.69 -2.57 -6.35
HN2 NH2 A 14 4.15 -1.33 -5.27
N VAL A 1 6.76 -3.35 4.26
CA VAL A 1 5.66 -2.94 5.16
C VAL A 1 5.52 -1.42 5.19
N ARG A 2 5.58 -0.81 4.01
CA ARG A 2 5.47 0.64 3.88
C ARG A 2 5.45 1.06 2.41
N ARG A 3 6.45 0.61 1.67
CA ARG A 3 6.55 0.94 0.24
C ARG A 3 5.91 -0.16 -0.62
N TYR A 4 4.80 -0.71 -0.13
CA TYR A 4 4.11 -1.77 -0.87
C TYR A 4 3.53 -1.25 -2.20
N PRO A 5 2.67 -2.04 -2.90
CA PRO A 5 2.07 -1.64 -4.18
C PRO A 5 1.46 -0.26 -4.15
N TRP A 6 1.27 0.33 -5.32
CA TRP A 6 0.64 1.64 -5.41
C TRP A 6 -0.81 1.49 -5.00
N TRP A 7 -1.37 0.32 -5.31
CA TRP A 7 -2.75 0.00 -4.97
C TRP A 7 -2.85 -0.49 -3.56
N TRP A 8 -1.73 -0.87 -2.99
CA TRP A 8 -1.76 -1.41 -1.67
C TRP A 8 -2.31 -0.42 -0.64
N PRO A 9 -1.87 0.85 -0.68
CA PRO A 9 -2.31 1.86 0.29
C PRO A 9 -3.81 1.79 0.56
N TYR A 10 -4.61 1.68 -0.50
CA TYR A 10 -6.05 1.60 -0.35
C TYR A 10 -6.40 0.39 0.50
N LEU A 11 -5.63 -0.67 0.31
CA LEU A 11 -5.83 -1.93 1.03
C LEU A 11 -5.60 -1.75 2.52
N ARG A 12 -4.34 -1.54 2.91
CA ARG A 12 -3.98 -1.38 4.31
C ARG A 12 -4.11 0.06 4.79
N ARG A 13 -3.43 0.98 4.11
CA ARG A 13 -3.48 2.39 4.48
C ARG A 13 -4.87 2.98 4.25
N NH2 A 14 -5.84 2.19 3.83
HN1 NH2 A 14 -6.30 2.42 2.99
HN2 NH2 A 14 -6.08 1.41 4.38
N VAL A 1 1.78 -2.92 9.38
CA VAL A 1 2.59 -2.28 8.31
C VAL A 1 1.70 -1.63 7.26
N ARG A 2 0.79 -2.41 6.70
CA ARG A 2 -0.14 -1.92 5.69
C ARG A 2 -1.23 -1.07 6.31
N ARG A 3 -1.71 -0.09 5.56
CA ARG A 3 -2.77 0.80 6.04
C ARG A 3 -3.42 1.51 4.86
N TYR A 4 -2.60 2.02 3.96
CA TYR A 4 -3.09 2.71 2.76
C TYR A 4 -3.88 1.75 1.85
N PRO A 5 -4.18 2.15 0.59
CA PRO A 5 -4.93 1.31 -0.35
C PRO A 5 -4.39 -0.11 -0.44
N TRP A 6 -5.25 -1.05 -0.82
CA TRP A 6 -4.81 -2.42 -0.98
C TRP A 6 -3.76 -2.46 -2.08
N TRP A 7 -3.92 -1.56 -3.06
CA TRP A 7 -3.00 -1.45 -4.18
C TRP A 7 -1.81 -0.59 -3.84
N TRP A 8 -1.94 0.19 -2.79
CA TRP A 8 -0.88 1.10 -2.46
C TRP A 8 0.46 0.39 -2.16
N PRO A 9 0.46 -0.70 -1.37
CA PRO A 9 1.69 -1.39 -1.01
C PRO A 9 2.61 -1.62 -2.20
N TYR A 10 2.05 -2.05 -3.33
CA TYR A 10 2.82 -2.28 -4.54
C TYR A 10 3.48 -0.98 -4.97
N LEU A 11 2.77 0.11 -4.73
CA LEU A 11 3.23 1.45 -5.09
C LEU A 11 4.54 1.82 -4.40
N ARG A 12 4.59 1.63 -3.09
CA ARG A 12 5.78 1.98 -2.32
C ARG A 12 6.25 0.85 -1.42
N ARG A 13 5.32 0.22 -0.69
CA ARG A 13 5.68 -0.86 0.21
C ARG A 13 6.08 -2.13 -0.56
N NH2 A 14 6.43 -2.04 -1.83
HN1 NH2 A 14 6.30 -2.82 -2.40
HN2 NH2 A 14 6.83 -1.20 -2.14
N VAL A 1 -6.62 5.20 -5.69
CA VAL A 1 -6.69 3.73 -5.52
C VAL A 1 -5.99 3.30 -4.22
N ARG A 2 -6.57 2.31 -3.55
CA ARG A 2 -6.02 1.81 -2.30
C ARG A 2 -6.74 0.54 -1.86
N ARG A 3 -5.96 -0.45 -1.44
CA ARG A 3 -6.53 -1.72 -1.01
C ARG A 3 -5.47 -2.59 -0.31
N TYR A 4 -4.67 -1.97 0.56
CA TYR A 4 -3.64 -2.69 1.30
C TYR A 4 -3.11 -1.86 2.47
N PRO A 5 -2.01 -2.31 3.14
CA PRO A 5 -1.42 -1.61 4.29
C PRO A 5 -1.17 -0.13 4.03
N TRP A 6 -0.95 0.61 5.11
CA TRP A 6 -0.64 2.03 4.99
C TRP A 6 0.76 2.16 4.41
N TRP A 7 1.61 1.19 4.78
CA TRP A 7 2.99 1.14 4.30
C TRP A 7 3.06 0.49 2.96
N TRP A 8 2.01 -0.20 2.58
CA TRP A 8 2.04 -0.90 1.34
C TRP A 8 2.23 0.05 0.15
N PRO A 9 1.49 1.17 0.10
CA PRO A 9 1.59 2.12 -1.01
C PRO A 9 3.01 2.37 -1.45
N TYR A 10 3.91 2.56 -0.50
CA TYR A 10 5.32 2.79 -0.80
C TYR A 10 5.86 1.59 -1.57
N LEU A 11 5.40 0.42 -1.15
CA LEU A 11 5.82 -0.85 -1.75
C LEU A 11 5.40 -0.92 -3.22
N ARG A 12 4.10 -1.03 -3.44
CA ARG A 12 3.55 -1.14 -4.79
C ARG A 12 3.33 0.23 -5.44
N ARG A 13 2.51 1.05 -4.81
CA ARG A 13 2.21 2.38 -5.33
C ARG A 13 3.41 3.32 -5.20
N NH2 A 14 4.60 2.93 -5.66
HN1 NH2 A 14 5.05 3.49 -6.32
HN2 NH2 A 14 4.97 2.09 -5.31
N VAL A 1 -4.74 -4.24 -3.79
CA VAL A 1 -5.26 -3.60 -5.03
C VAL A 1 -5.11 -2.09 -4.97
N ARG A 2 -5.38 -1.51 -3.80
CA ARG A 2 -5.27 -0.07 -3.61
C ARG A 2 -5.40 0.29 -2.14
N ARG A 3 -6.40 -0.29 -1.47
CA ARG A 3 -6.63 -0.02 -0.05
C ARG A 3 -5.81 -0.98 0.82
N TYR A 4 -4.61 -1.31 0.35
CA TYR A 4 -3.73 -2.22 1.10
C TYR A 4 -3.17 -1.53 2.36
N PRO A 5 -2.16 -2.14 3.05
CA PRO A 5 -1.56 -1.56 4.26
C PRO A 5 -1.21 -0.10 4.11
N TRP A 6 -1.13 0.60 5.24
CA TRP A 6 -0.75 2.00 5.22
C TRP A 6 0.68 2.09 4.70
N TRP A 7 1.45 1.06 5.01
CA TRP A 7 2.85 0.98 4.58
C TRP A 7 2.97 0.40 3.20
N TRP A 8 1.93 -0.26 2.75
CA TRP A 8 2.01 -0.90 1.47
C TRP A 8 2.28 0.08 0.32
N PRO A 9 1.61 1.25 0.28
CA PRO A 9 1.81 2.21 -0.81
C PRO A 9 3.29 2.45 -1.10
N TYR A 10 4.09 2.62 -0.05
CA TYR A 10 5.52 2.83 -0.24
C TYR A 10 6.11 1.65 -1.00
N LEU A 11 5.56 0.48 -0.72
CA LEU A 11 5.99 -0.76 -1.35
C LEU A 11 5.70 -0.76 -2.85
N ARG A 12 4.42 -0.84 -3.19
CA ARG A 12 4.00 -0.88 -4.60
C ARG A 12 3.83 0.53 -5.17
N ARG A 13 2.99 1.34 -4.53
CA ARG A 13 2.72 2.69 -5.00
C ARG A 13 3.94 3.60 -4.80
N NH2 A 14 5.12 3.05 -4.58
HN1 NH2 A 14 5.66 3.38 -3.82
HN2 NH2 A 14 5.44 2.35 -5.19
N VAL A 1 4.77 -3.81 7.05
CA VAL A 1 4.16 -2.63 7.73
C VAL A 1 2.96 -2.10 6.94
N ARG A 2 2.08 -3.01 6.54
CA ARG A 2 0.89 -2.63 5.78
C ARG A 2 -0.06 -1.80 6.62
N ARG A 3 -0.75 -0.86 5.97
CA ARG A 3 -1.71 0.00 6.66
C ARG A 3 -2.54 0.77 5.64
N TYR A 4 -1.86 1.33 4.64
CA TYR A 4 -2.52 2.10 3.59
C TYR A 4 -3.40 1.19 2.69
N PRO A 5 -3.90 1.73 1.55
CA PRO A 5 -4.76 0.97 0.63
C PRO A 5 -4.18 -0.36 0.21
N TRP A 6 -5.05 -1.25 -0.26
CA TRP A 6 -4.60 -2.55 -0.72
C TRP A 6 -3.76 -2.35 -1.98
N TRP A 7 -4.11 -1.30 -2.72
CA TRP A 7 -3.40 -0.95 -3.94
C TRP A 7 -2.21 -0.09 -3.65
N TRP A 8 -2.18 0.50 -2.48
CA TRP A 8 -1.11 1.38 -2.17
C TRP A 8 0.27 0.70 -2.23
N PRO A 9 0.42 -0.52 -1.67
CA PRO A 9 1.70 -1.21 -1.64
C PRO A 9 2.41 -1.17 -3.00
N TYR A 10 1.66 -1.39 -4.07
CA TYR A 10 2.24 -1.36 -5.41
C TYR A 10 2.79 0.03 -5.68
N LEU A 11 2.12 1.03 -5.12
CA LEU A 11 2.50 2.42 -5.28
C LEU A 11 3.89 2.72 -4.72
N ARG A 12 4.16 2.26 -3.50
CA ARG A 12 5.45 2.51 -2.87
C ARG A 12 6.09 1.22 -2.36
N ARG A 13 5.32 0.41 -1.64
CA ARG A 13 5.84 -0.84 -1.09
C ARG A 13 6.16 -1.84 -2.20
N NH2 A 14 6.30 -1.41 -3.44
HN1 NH2 A 14 7.19 -1.44 -3.85
HN2 NH2 A 14 5.51 -1.08 -3.92
N VAL A 1 9.04 3.69 5.99
CA VAL A 1 7.59 3.46 5.75
C VAL A 1 7.37 2.14 5.02
N ARG A 2 6.34 1.41 5.44
CA ARG A 2 6.02 0.13 4.82
C ARG A 2 5.74 0.31 3.32
N ARG A 3 6.41 -0.50 2.51
CA ARG A 3 6.23 -0.43 1.06
C ARG A 3 5.48 -1.67 0.55
N TYR A 4 4.54 -1.45 -0.36
CA TYR A 4 3.75 -2.55 -0.93
C TYR A 4 3.17 -2.16 -2.30
N PRO A 5 2.14 -2.90 -2.82
CA PRO A 5 1.54 -2.59 -4.12
C PRO A 5 1.18 -1.13 -4.28
N TRP A 6 1.05 -0.69 -5.52
CA TRP A 6 0.67 0.69 -5.78
C TRP A 6 -0.75 0.89 -5.25
N TRP A 7 -1.54 -0.19 -5.36
CA TRP A 7 -2.92 -0.19 -4.90
C TRP A 7 -3.01 -0.46 -3.42
N TRP A 8 -1.94 -0.97 -2.86
CA TRP A 8 -1.97 -1.31 -1.48
C TRP A 8 -2.26 -0.11 -0.59
N PRO A 9 -1.60 1.04 -0.83
CA PRO A 9 -1.81 2.23 0.00
C PRO A 9 -3.27 2.49 0.32
N TYR A 10 -4.12 2.42 -0.70
CA TYR A 10 -5.56 2.63 -0.51
C TYR A 10 -6.08 1.64 0.52
N LEU A 11 -5.51 0.45 0.49
CA LEU A 11 -5.89 -0.63 1.39
C LEU A 11 -5.63 -0.26 2.86
N ARG A 12 -4.47 0.33 3.14
CA ARG A 12 -4.11 0.69 4.51
C ARG A 12 -3.38 2.03 4.58
N ARG A 13 -2.36 2.20 3.75
CA ARG A 13 -1.59 3.43 3.73
C ARG A 13 -2.42 4.59 3.20
N NH2 A 14 -3.75 4.52 3.27
HN1 NH2 A 14 -4.27 5.36 3.29
HN2 NH2 A 14 -4.17 3.62 3.30
N VAL A 1 4.50 -1.82 5.22
CA VAL A 1 4.00 -2.14 6.57
C VAL A 1 2.77 -1.32 6.92
N ARG A 2 2.77 -0.06 6.49
CA ARG A 2 1.65 0.84 6.76
C ARG A 2 0.35 0.29 6.20
N ARG A 3 -0.77 0.64 6.84
CA ARG A 3 -2.08 0.17 6.41
C ARG A 3 -2.68 1.09 5.35
N TYR A 4 -1.86 1.49 4.37
CA TYR A 4 -2.35 2.36 3.30
C TYR A 4 -3.42 1.67 2.45
N PRO A 5 -3.79 2.23 1.26
CA PRO A 5 -4.81 1.64 0.38
C PRO A 5 -4.60 0.16 0.12
N TRP A 6 -5.66 -0.54 -0.26
CA TRP A 6 -5.55 -1.94 -0.59
C TRP A 6 -4.68 -2.08 -1.82
N TRP A 7 -4.79 -1.08 -2.71
CA TRP A 7 -4.01 -1.03 -3.93
C TRP A 7 -2.64 -0.49 -3.67
N TRP A 8 -2.48 0.17 -2.55
CA TRP A 8 -1.21 0.77 -2.27
C TRP A 8 -0.06 -0.23 -2.27
N PRO A 9 -0.22 -1.39 -1.61
CA PRO A 9 0.84 -2.40 -1.54
C PRO A 9 1.58 -2.58 -2.85
N TYR A 10 0.83 -2.76 -3.94
CA TYR A 10 1.44 -2.94 -5.26
C TYR A 10 2.32 -1.74 -5.58
N LEU A 11 1.87 -0.57 -5.14
CA LEU A 11 2.58 0.67 -5.37
C LEU A 11 3.99 0.65 -4.77
N ARG A 12 4.12 0.09 -3.56
CA ARG A 12 5.41 0.05 -2.89
C ARG A 12 5.58 -1.21 -2.05
N ARG A 13 4.57 -1.52 -1.23
CA ARG A 13 4.64 -2.70 -0.37
C ARG A 13 4.64 -3.99 -1.20
N NH2 A 14 4.93 -3.92 -2.49
HN1 NH2 A 14 5.21 -4.74 -2.95
HN2 NH2 A 14 4.87 -3.05 -2.94
N VAL A 1 -7.39 2.43 -6.54
CA VAL A 1 -6.60 1.17 -6.73
C VAL A 1 -6.09 0.64 -5.39
N ARG A 2 -5.68 1.55 -4.51
CA ARG A 2 -5.17 1.18 -3.20
C ARG A 2 -6.22 0.43 -2.39
N ARG A 3 -5.77 -0.61 -1.68
CA ARG A 3 -6.66 -1.42 -0.86
C ARG A 3 -5.86 -2.33 0.07
N TYR A 4 -4.82 -1.78 0.67
CA TYR A 4 -3.96 -2.53 1.59
C TYR A 4 -3.48 -1.66 2.75
N PRO A 5 -2.46 -2.11 3.54
CA PRO A 5 -1.94 -1.34 4.67
C PRO A 5 -1.63 0.11 4.34
N TRP A 6 -1.49 0.93 5.37
CA TRP A 6 -1.15 2.33 5.16
C TRP A 6 0.30 2.39 4.67
N TRP A 7 1.09 1.45 5.17
CA TRP A 7 2.50 1.34 4.79
C TRP A 7 2.65 0.59 3.51
N TRP A 8 1.62 -0.13 3.11
CA TRP A 8 1.72 -0.93 1.93
C TRP A 8 2.01 -0.09 0.68
N PRO A 9 1.32 1.05 0.49
CA PRO A 9 1.51 1.89 -0.68
C PRO A 9 2.98 2.07 -1.05
N TYR A 10 3.80 2.42 -0.06
CA TYR A 10 5.22 2.60 -0.29
C TYR A 10 5.80 1.32 -0.89
N LEU A 11 5.27 0.20 -0.43
CA LEU A 11 5.69 -1.12 -0.88
C LEU A 11 5.37 -1.34 -2.36
N ARG A 12 4.08 -1.49 -2.65
CA ARG A 12 3.62 -1.72 -4.02
C ARG A 12 3.49 -0.43 -4.82
N ARG A 13 2.69 0.49 -4.31
CA ARG A 13 2.46 1.77 -4.99
C ARG A 13 3.76 2.57 -5.07
N NH2 A 14 4.86 2.10 -4.50
HN1 NH2 A 14 5.07 2.40 -3.59
HN2 NH2 A 14 5.42 1.46 -5.01
N VAL A 1 5.27 -1.65 7.54
CA VAL A 1 3.90 -2.11 7.91
C VAL A 1 2.85 -1.50 6.98
N ARG A 2 1.90 -2.31 6.54
CA ARG A 2 0.84 -1.86 5.66
C ARG A 2 -0.09 -0.90 6.41
N ARG A 3 -0.42 0.22 5.76
CA ARG A 3 -1.29 1.22 6.37
C ARG A 3 -1.73 2.27 5.36
N TYR A 4 -2.09 1.81 4.16
CA TYR A 4 -2.53 2.70 3.10
C TYR A 4 -3.54 2.00 2.17
N PRO A 5 -3.82 2.53 0.95
CA PRO A 5 -4.77 1.92 0.02
C PRO A 5 -4.54 0.44 -0.16
N TRP A 6 -5.58 -0.28 -0.56
CA TRP A 6 -5.44 -1.71 -0.81
C TRP A 6 -4.48 -1.89 -1.97
N TRP A 7 -4.52 -0.93 -2.90
CA TRP A 7 -3.65 -0.94 -4.06
C TRP A 7 -2.30 -0.39 -3.72
N TRP A 8 -2.21 0.30 -2.61
CA TRP A 8 -0.96 0.92 -2.26
C TRP A 8 0.18 -0.09 -2.12
N PRO A 9 -0.03 -1.21 -1.39
CA PRO A 9 1.01 -2.21 -1.18
C PRO A 9 1.83 -2.48 -2.43
N TYR A 10 1.16 -2.61 -3.56
CA TYR A 10 1.84 -2.87 -4.83
C TYR A 10 2.77 -1.70 -5.14
N LEU A 11 2.30 -0.50 -4.80
CA LEU A 11 3.04 0.73 -5.04
C LEU A 11 4.34 0.77 -4.24
N ARG A 12 4.22 0.88 -2.91
CA ARG A 12 5.38 0.97 -2.04
C ARG A 12 5.84 -0.41 -1.55
N ARG A 13 4.95 -1.16 -0.94
CA ARG A 13 5.29 -2.48 -0.42
C ARG A 13 5.52 -3.49 -1.54
N NH2 A 14 5.88 -3.04 -2.74
HN1 NH2 A 14 6.46 -3.61 -3.29
HN2 NH2 A 14 5.54 -2.18 -3.04
N VAL A 1 10.05 0.74 7.83
CA VAL A 1 9.48 0.23 6.56
C VAL A 1 7.95 0.27 6.57
N ARG A 2 7.37 0.71 5.46
CA ARG A 2 5.92 0.79 5.35
C ARG A 2 5.49 1.03 3.90
N ARG A 3 6.31 1.77 3.15
CA ARG A 3 6.01 2.06 1.75
C ARG A 3 5.70 0.77 0.99
N TYR A 4 4.59 0.76 0.27
CA TYR A 4 4.18 -0.42 -0.49
C TYR A 4 3.60 -0.05 -1.88
N PRO A 5 2.97 -1.02 -2.59
CA PRO A 5 2.38 -0.78 -3.92
C PRO A 5 1.46 0.42 -3.97
N TRP A 6 1.19 0.89 -5.19
CA TRP A 6 0.28 2.00 -5.39
C TRP A 6 -1.12 1.52 -5.05
N TRP A 7 -1.37 0.26 -5.37
CA TRP A 7 -2.66 -0.38 -5.09
C TRP A 7 -2.74 -0.84 -3.67
N TRP A 8 -1.60 -0.95 -3.03
CA TRP A 8 -1.59 -1.44 -1.69
C TRP A 8 -2.45 -0.59 -0.76
N PRO A 9 -2.32 0.75 -0.80
CA PRO A 9 -3.09 1.63 0.08
C PRO A 9 -4.52 1.18 0.28
N TYR A 10 -5.22 0.92 -0.83
CA TYR A 10 -6.60 0.47 -0.77
C TYR A 10 -6.69 -0.77 0.11
N LEU A 11 -5.66 -1.60 0.00
CA LEU A 11 -5.59 -2.85 0.76
C LEU A 11 -5.52 -2.57 2.26
N ARG A 12 -4.76 -1.55 2.64
CA ARG A 12 -4.61 -1.20 4.06
C ARG A 12 -4.36 0.29 4.26
N ARG A 13 -3.37 0.84 3.55
CA ARG A 13 -3.05 2.26 3.68
C ARG A 13 -4.11 3.13 3.01
N NH2 A 14 -5.40 2.90 3.25
HN1 NH2 A 14 -5.94 3.62 3.64
HN2 NH2 A 14 -5.76 2.01 3.04
N VAL A 1 4.74 1.84 11.70
CA VAL A 1 3.64 2.19 10.75
C VAL A 1 4.09 2.01 9.31
N ARG A 2 3.21 1.42 8.50
CA ARG A 2 3.51 1.20 7.08
C ARG A 2 2.27 0.74 6.32
N ARG A 3 1.48 -0.11 6.96
CA ARG A 3 0.26 -0.64 6.34
C ARG A 3 -0.57 0.47 5.70
N TYR A 4 -1.09 0.19 4.51
CA TYR A 4 -1.91 1.16 3.79
C TYR A 4 -3.02 0.45 2.98
N PRO A 5 -3.70 1.15 2.01
CA PRO A 5 -4.77 0.54 1.21
C PRO A 5 -4.39 -0.79 0.61
N TRP A 6 -5.39 -1.60 0.28
CA TRP A 6 -5.14 -2.88 -0.35
C TRP A 6 -4.51 -2.63 -1.71
N TRP A 7 -4.94 -1.53 -2.33
CA TRP A 7 -4.42 -1.12 -3.63
C TRP A 7 -3.12 -0.38 -3.48
N TRP A 8 -2.83 0.06 -2.28
CA TRP A 8 -1.64 0.82 -2.08
C TRP A 8 -0.36 0.06 -2.46
N PRO A 9 -0.21 -1.20 -2.03
CA PRO A 9 0.98 -1.98 -2.32
C PRO A 9 1.47 -1.80 -3.75
N TYR A 10 0.53 -1.87 -4.70
CA TYR A 10 0.88 -1.71 -6.11
C TYR A 10 1.51 -0.35 -6.34
N LEU A 11 1.00 0.64 -5.61
CA LEU A 11 1.47 2.01 -5.71
C LEU A 11 2.96 2.13 -5.39
N ARG A 12 3.41 1.45 -4.34
CA ARG A 12 4.81 1.53 -3.93
C ARG A 12 5.40 0.16 -3.59
N ARG A 13 4.70 -0.60 -2.75
CA ARG A 13 5.19 -1.92 -2.36
C ARG A 13 5.24 -2.86 -3.56
N NH2 A 14 5.01 -2.38 -4.77
HN1 NH2 A 14 5.22 -2.94 -5.54
HN2 NH2 A 14 4.62 -1.48 -4.85
N VAL A 1 4.00 4.42 6.89
CA VAL A 1 5.20 3.67 6.44
C VAL A 1 5.02 3.14 5.02
N ARG A 2 4.61 4.01 4.11
CA ARG A 2 4.41 3.63 2.71
C ARG A 2 5.65 2.92 2.16
N ARG A 3 5.44 1.78 1.51
CA ARG A 3 6.54 1.00 0.96
C ARG A 3 6.01 -0.18 0.14
N TYR A 4 5.03 0.08 -0.70
CA TYR A 4 4.43 -0.97 -1.53
C TYR A 4 3.66 -0.39 -2.74
N PRO A 5 2.87 -1.24 -3.46
CA PRO A 5 2.10 -0.81 -4.63
C PRO A 5 1.27 0.43 -4.39
N TRP A 6 0.90 1.10 -5.48
CA TRP A 6 0.05 2.28 -5.39
C TRP A 6 -1.31 1.85 -4.88
N TRP A 7 -1.70 0.63 -5.25
CA TRP A 7 -2.97 0.06 -4.83
C TRP A 7 -2.85 -0.60 -3.49
N TRP A 8 -1.63 -0.88 -3.08
CA TRP A 8 -1.46 -1.57 -1.84
C TRP A 8 -2.03 -0.81 -0.64
N PRO A 9 -1.80 0.52 -0.52
CA PRO A 9 -2.30 1.29 0.61
C PRO A 9 -3.76 0.98 0.94
N TYR A 10 -4.59 0.87 -0.09
CA TYR A 10 -6.01 0.55 0.13
C TYR A 10 -6.10 -0.78 0.87
N LEU A 11 -5.18 -1.66 0.54
CA LEU A 11 -5.11 -2.99 1.13
C LEU A 11 -4.73 -2.92 2.61
N ARG A 12 -3.50 -2.48 2.87
CA ARG A 12 -2.98 -2.39 4.24
C ARG A 12 -3.32 -1.04 4.89
N ARG A 13 -2.90 0.05 4.26
CA ARG A 13 -3.15 1.39 4.79
C ARG A 13 -4.65 1.69 4.87
N NH2 A 14 -5.51 0.81 4.36
HN1 NH2 A 14 -6.32 1.17 3.93
HN2 NH2 A 14 -5.31 -0.14 4.44
N VAL A 1 -2.62 -2.09 -12.24
CA VAL A 1 -2.48 -2.66 -10.86
C VAL A 1 -2.45 -1.55 -9.82
N ARG A 2 -3.19 -1.75 -8.72
CA ARG A 2 -3.25 -0.77 -7.65
C ARG A 2 -2.01 -0.84 -6.76
N ARG A 3 -0.84 -1.02 -7.38
CA ARG A 3 0.41 -1.08 -6.65
C ARG A 3 0.73 0.26 -6.00
N TYR A 4 1.17 0.23 -4.74
CA TYR A 4 1.50 1.45 -4.02
C TYR A 4 2.71 1.24 -3.09
N PRO A 5 3.00 2.20 -2.18
CA PRO A 5 4.13 2.12 -1.25
C PRO A 5 4.21 0.79 -0.51
N TRP A 6 5.37 0.51 0.06
CA TRP A 6 5.53 -0.71 0.85
C TRP A 6 4.74 -0.55 2.14
N TRP A 7 4.67 0.70 2.60
CA TRP A 7 3.92 1.04 3.81
C TRP A 7 2.47 1.25 3.51
N TRP A 8 2.15 1.44 2.25
CA TRP A 8 0.79 1.70 1.90
C TRP A 8 -0.14 0.56 2.30
N PRO A 9 0.24 -0.71 2.03
CA PRO A 9 -0.60 -1.86 2.35
C PRO A 9 -1.25 -1.75 3.73
N TYR A 10 -0.48 -1.36 4.72
CA TYR A 10 -1.00 -1.22 6.08
C TYR A 10 -2.11 -0.17 6.08
N LEU A 11 -1.92 0.85 5.25
CA LEU A 11 -2.87 1.95 5.13
C LEU A 11 -4.24 1.49 4.65
N ARG A 12 -4.26 0.77 3.53
CA ARG A 12 -5.52 0.31 2.96
C ARG A 12 -5.63 -1.22 2.93
N ARG A 13 -4.59 -1.87 2.42
CA ARG A 13 -4.58 -3.34 2.32
C ARG A 13 -4.66 -3.97 3.71
N NH2 A 14 -4.60 -3.21 4.79
HN1 NH2 A 14 -4.00 -3.47 5.52
HN2 NH2 A 14 -5.14 -2.39 4.81
N VAL A 1 -6.68 2.37 -6.75
CA VAL A 1 -5.71 1.84 -5.75
C VAL A 1 -6.43 1.30 -4.52
N ARG A 2 -6.04 0.11 -4.08
CA ARG A 2 -6.65 -0.51 -2.91
C ARG A 2 -6.24 0.21 -1.64
N ARG A 3 -7.08 0.15 -0.61
CA ARG A 3 -6.79 0.81 0.66
C ARG A 3 -5.99 -0.10 1.58
N TYR A 4 -4.93 -0.71 1.05
CA TYR A 4 -4.09 -1.59 1.86
C TYR A 4 -3.31 -0.81 2.95
N PRO A 5 -2.29 -1.42 3.59
CA PRO A 5 -1.49 -0.75 4.64
C PRO A 5 -0.99 0.61 4.22
N TRP A 6 -0.61 1.42 5.21
CA TRP A 6 -0.06 2.73 4.92
C TRP A 6 1.29 2.55 4.25
N TRP A 7 1.98 1.49 4.66
CA TRP A 7 3.28 1.15 4.10
C TRP A 7 3.14 0.39 2.82
N TRP A 8 1.96 -0.14 2.59
CA TRP A 8 1.77 -0.92 1.41
C TRP A 8 2.05 -0.15 0.14
N PRO A 9 1.54 1.10 0.00
CA PRO A 9 1.74 1.92 -1.18
C PRO A 9 3.17 1.82 -1.73
N TYR A 10 4.15 1.94 -0.85
CA TYR A 10 5.55 1.84 -1.26
C TYR A 10 5.79 0.49 -1.92
N LEU A 11 5.13 -0.53 -1.38
CA LEU A 11 5.25 -1.90 -1.86
C LEU A 11 4.69 -2.03 -3.28
N ARG A 12 3.36 -1.94 -3.39
CA ARG A 12 2.68 -2.08 -4.68
C ARG A 12 2.60 -0.77 -5.44
N ARG A 13 2.02 0.25 -4.81
CA ARG A 13 1.86 1.56 -5.44
C ARG A 13 3.23 2.20 -5.71
N NH2 A 14 4.33 1.53 -5.43
HN1 NH2 A 14 4.93 1.88 -4.73
HN2 NH2 A 14 4.50 0.70 -5.91
N VAL A 1 -2.54 -3.54 -7.83
CA VAL A 1 -2.12 -4.45 -6.73
C VAL A 1 -1.64 -3.67 -5.51
N ARG A 2 -0.80 -2.66 -5.76
CA ARG A 2 -0.27 -1.83 -4.69
C ARG A 2 0.56 -0.68 -5.25
N ARG A 3 -0.03 0.07 -6.19
CA ARG A 3 0.65 1.20 -6.80
C ARG A 3 1.23 2.14 -5.75
N TYR A 4 0.46 2.38 -4.70
CA TYR A 4 0.91 3.26 -3.61
C TYR A 4 2.14 2.69 -2.89
N PRO A 5 2.54 3.29 -1.74
CA PRO A 5 3.71 2.84 -0.97
C PRO A 5 3.73 1.35 -0.70
N TRP A 6 4.89 0.84 -0.30
CA TRP A 6 5.02 -0.56 0.03
C TRP A 6 4.29 -0.80 1.34
N TRP A 7 4.33 0.22 2.21
CA TRP A 7 3.67 0.18 3.50
C TRP A 7 2.21 0.53 3.38
N TRP A 8 1.86 1.15 2.28
CA TRP A 8 0.51 1.58 2.13
C TRP A 8 -0.48 0.40 2.18
N PRO A 9 -0.19 -0.72 1.48
CA PRO A 9 -1.10 -1.86 1.45
C PRO A 9 -1.68 -2.19 2.82
N TYR A 10 -0.83 -2.24 3.83
CA TYR A 10 -1.29 -2.53 5.18
C TYR A 10 -2.33 -1.50 5.59
N LEU A 11 -2.11 -0.27 5.15
CA LEU A 11 -3.00 0.85 5.44
C LEU A 11 -4.40 0.61 4.89
N ARG A 12 -4.48 0.03 3.69
CA ARG A 12 -5.78 -0.22 3.07
C ARG A 12 -5.76 -1.44 2.15
N ARG A 13 -4.77 -1.50 1.25
CA ARG A 13 -4.67 -2.63 0.32
C ARG A 13 -4.20 -3.89 1.03
N NH2 A 14 -4.74 -4.23 2.20
HN1 NH2 A 14 -5.10 -5.12 2.30
HN2 NH2 A 14 -4.75 -3.55 2.91
#